data_3LKF
#
_entry.id   3LKF
#
_cell.length_a   39.970
_cell.length_b   48.600
_cell.length_c   148.060
_cell.angle_alpha   90.00
_cell.angle_beta   90.00
_cell.angle_gamma   90.00
#
_symmetry.space_group_name_H-M   'P 21 21 21'
#
loop_
_entity.id
_entity.type
_entity.pdbx_description
1 polymer 'LEUKOCIDIN F SUBUNIT'
2 non-polymer PHOSPHOCHOLINE
3 water water
#
_entity_poly.entity_id   1
_entity_poly.type   'polypeptide(L)'
_entity_poly.pdbx_seq_one_letter_code
;EGKITPVSVKKVDDKVTLYKTTATADSDKFKISQILTFNFIKDKSYDKDTLVLKATGNINSGFVKPNPNDYDFSKLYWGA
KYNVSISSQSNDSVNVVDYAPKNQNEEFQVQNTLGYTFGGDISISNGLSGGLNGNTAFSETINYKQESYRTTLSRNTNYK
NVGWGVEAHKIMNNGWGPYGRDSFHPTYGNELFLAGRQSSAYAGQNFIAQHQMPLLSRSNFNPEFLSVLSHRQDGAKKSK
ITVTYQREMDLYQIRWNGFYWAGANYKNFKTRTFKSTYEIDWENHKVKLLDTKETENNK
;
_entity_poly.pdbx_strand_id   A
#
# COMPACT_ATOMS: atom_id res chain seq x y z
N GLU A 1 -10.18 11.35 -8.77
CA GLU A 1 -10.16 12.64 -9.54
C GLU A 1 -8.72 12.99 -9.95
N GLY A 2 -8.53 13.26 -11.24
CA GLY A 2 -7.18 13.61 -11.70
C GLY A 2 -6.97 13.82 -13.18
N LYS A 3 -5.77 13.44 -13.64
CA LYS A 3 -5.40 13.61 -15.03
C LYS A 3 -4.50 12.50 -15.53
N ILE A 4 -4.37 12.43 -16.86
CA ILE A 4 -3.54 11.44 -17.49
C ILE A 4 -2.65 12.19 -18.49
N THR A 5 -1.34 12.03 -18.33
CA THR A 5 -0.41 12.74 -19.21
C THR A 5 -0.37 12.13 -20.60
N PRO A 6 0.13 12.90 -21.58
CA PRO A 6 0.19 12.33 -22.95
C PRO A 6 1.28 11.24 -22.92
N VAL A 7 1.34 10.42 -23.96
CA VAL A 7 2.32 9.35 -24.03
C VAL A 7 3.69 9.82 -24.49
N SER A 8 4.74 9.38 -23.82
CA SER A 8 6.10 9.72 -24.22
C SER A 8 6.70 8.43 -24.80
N VAL A 9 7.54 8.58 -25.82
CA VAL A 9 8.13 7.43 -26.47
C VAL A 9 9.64 7.47 -26.40
N LYS A 10 10.22 6.28 -26.20
CA LYS A 10 11.66 6.08 -26.11
C LYS A 10 12.02 4.82 -26.88
N LYS A 11 12.66 5.00 -28.03
CA LYS A 11 13.09 3.88 -28.84
C LYS A 11 14.41 3.43 -28.25
N VAL A 12 14.48 2.17 -27.82
CA VAL A 12 15.70 1.66 -27.23
C VAL A 12 16.62 1.15 -28.34
N ASP A 13 16.29 0.01 -28.89
CA ASP A 13 17.02 -0.63 -29.97
C ASP A 13 16.05 -0.49 -31.14
N ASP A 14 16.23 -1.34 -32.15
CA ASP A 14 15.31 -1.34 -33.28
C ASP A 14 14.25 -2.38 -32.91
N LYS A 15 14.53 -3.12 -31.84
CA LYS A 15 13.66 -4.17 -31.33
C LYS A 15 12.66 -3.68 -30.30
N VAL A 16 13.16 -2.90 -29.34
CA VAL A 16 12.36 -2.38 -28.24
C VAL A 16 12.03 -0.90 -28.26
N THR A 17 10.76 -0.59 -27.99
CA THR A 17 10.30 0.79 -27.88
C THR A 17 9.49 0.86 -26.57
N LEU A 18 9.81 1.87 -25.76
CA LEU A 18 9.14 2.09 -24.49
C LEU A 18 8.16 3.26 -24.61
N TYR A 19 6.98 3.09 -24.04
CA TYR A 19 5.93 4.11 -24.07
C TYR A 19 5.51 4.34 -22.62
N LYS A 20 5.35 5.61 -22.23
CA LYS A 20 4.98 5.91 -20.84
C LYS A 20 3.85 6.94 -20.69
N THR A 21 2.96 6.69 -19.74
CA THR A 21 1.86 7.62 -19.47
C THR A 21 1.53 7.53 -17.99
N THR A 22 1.30 8.67 -17.35
CA THR A 22 1.02 8.68 -15.93
C THR A 22 -0.39 9.17 -15.61
N ALA A 23 -1.11 8.38 -14.83
CA ALA A 23 -2.46 8.71 -14.44
C ALA A 23 -2.48 9.01 -12.95
N THR A 24 -3.27 10.01 -12.56
CA THR A 24 -3.39 10.43 -11.17
C THR A 24 -4.87 10.46 -10.79
N ALA A 25 -5.26 9.73 -9.73
CA ALA A 25 -6.65 9.70 -9.23
C ALA A 25 -6.59 9.95 -7.72
N ASP A 26 -7.34 10.93 -7.25
CA ASP A 26 -7.31 11.29 -5.84
C ASP A 26 -8.63 11.28 -5.08
N SER A 27 -8.51 11.04 -3.77
CA SER A 27 -9.62 11.08 -2.86
C SER A 27 -9.21 12.15 -1.86
N ASP A 28 -9.71 13.37 -2.04
CA ASP A 28 -9.40 14.45 -1.10
C ASP A 28 -10.00 14.12 0.27
N LYS A 29 -11.20 13.58 0.26
CA LYS A 29 -11.93 13.19 1.46
C LYS A 29 -11.12 12.19 2.35
N PHE A 30 -10.62 11.10 1.77
CA PHE A 30 -9.86 10.11 2.52
C PHE A 30 -8.36 10.42 2.56
N LYS A 31 -7.93 11.50 1.91
CA LYS A 31 -6.52 11.85 1.85
C LYS A 31 -5.68 10.72 1.27
N ILE A 32 -6.14 10.18 0.14
CA ILE A 32 -5.44 9.12 -0.59
C ILE A 32 -5.17 9.64 -2.01
N SER A 33 -3.96 9.41 -2.50
CA SER A 33 -3.58 9.86 -3.82
C SER A 33 -2.90 8.73 -4.58
N GLN A 34 -3.42 8.41 -5.76
CA GLN A 34 -2.83 7.33 -6.58
C GLN A 34 -2.10 7.91 -7.75
N ILE A 35 -0.84 7.54 -7.91
CA ILE A 35 -0.04 8.00 -9.04
C ILE A 35 0.32 6.69 -9.70
N LEU A 36 -0.18 6.50 -10.92
CA LEU A 36 0.03 5.26 -11.65
C LEU A 36 0.79 5.49 -12.97
N THR A 37 2.01 4.97 -13.04
CA THR A 37 2.83 5.12 -14.23
C THR A 37 2.87 3.82 -15.03
N PHE A 38 2.23 3.86 -16.21
CA PHE A 38 2.16 2.70 -17.10
C PHE A 38 3.30 2.73 -18.13
N ASN A 39 4.19 1.74 -18.03
CA ASN A 39 5.33 1.62 -18.93
C ASN A 39 5.09 0.46 -19.89
N PHE A 40 4.72 0.75 -21.14
CA PHE A 40 4.49 -0.30 -22.14
C PHE A 40 5.80 -0.64 -22.83
N ILE A 41 6.10 -1.94 -22.90
CA ILE A 41 7.32 -2.43 -23.56
C ILE A 41 6.97 -3.27 -24.82
N LYS A 42 7.19 -2.70 -26.01
CA LYS A 42 6.93 -3.43 -27.25
C LYS A 42 8.27 -4.00 -27.71
N ASP A 43 8.37 -5.33 -27.70
CA ASP A 43 9.60 -6.06 -28.06
C ASP A 43 9.36 -7.03 -29.21
N LYS A 44 9.87 -6.70 -30.39
CA LYS A 44 9.69 -7.54 -31.57
C LYS A 44 10.29 -8.93 -31.43
N SER A 45 11.24 -9.09 -30.53
CA SER A 45 11.85 -10.38 -30.29
C SER A 45 11.07 -11.19 -29.24
N TYR A 46 9.86 -10.74 -28.88
CA TYR A 46 9.06 -11.45 -27.87
C TYR A 46 7.62 -11.53 -28.30
N ASP A 47 7.03 -12.71 -28.11
CA ASP A 47 5.65 -12.96 -28.49
C ASP A 47 4.60 -12.48 -27.49
N LYS A 48 4.99 -11.57 -26.63
CA LYS A 48 4.07 -10.99 -25.66
C LYS A 48 4.35 -9.51 -25.48
N ASP A 49 3.29 -8.74 -25.19
CA ASP A 49 3.41 -7.30 -24.92
C ASP A 49 3.51 -7.21 -23.41
N THR A 50 4.41 -6.37 -22.93
CA THR A 50 4.64 -6.23 -21.51
C THR A 50 4.32 -4.84 -21.00
N LEU A 51 3.72 -4.80 -19.82
CA LEU A 51 3.35 -3.54 -19.17
C LEU A 51 3.87 -3.55 -17.73
N VAL A 52 4.73 -2.58 -17.41
CA VAL A 52 5.26 -2.43 -16.06
C VAL A 52 4.57 -1.21 -15.43
N LEU A 53 3.67 -1.50 -14.50
CA LEU A 53 2.93 -0.47 -13.80
C LEU A 53 3.57 -0.14 -12.46
N LYS A 54 3.93 1.11 -12.26
CA LYS A 54 4.50 1.54 -10.99
C LYS A 54 3.41 2.33 -10.27
N ALA A 55 3.02 1.86 -9.08
CA ALA A 55 1.99 2.53 -8.29
C ALA A 55 2.65 3.23 -7.12
N THR A 56 2.54 4.55 -7.11
CA THR A 56 3.09 5.37 -6.04
C THR A 56 1.99 6.32 -5.53
N GLY A 57 2.36 7.26 -4.68
CA GLY A 57 1.37 8.19 -4.19
C GLY A 57 1.36 8.32 -2.69
N ASN A 58 0.16 8.44 -2.12
CA ASN A 58 0.03 8.60 -0.68
C ASN A 58 -1.26 8.02 -0.12
N ILE A 59 -1.15 7.47 1.10
CA ILE A 59 -2.32 6.96 1.82
C ILE A 59 -2.18 7.52 3.24
N ASN A 60 -3.04 8.47 3.61
CA ASN A 60 -2.98 9.05 4.93
C ASN A 60 -3.25 7.96 5.99
N SER A 61 -2.75 8.17 7.20
CA SER A 61 -2.96 7.16 8.24
C SER A 61 -4.38 7.15 8.83
N GLY A 62 -5.08 8.29 8.75
CA GLY A 62 -6.40 8.35 9.37
C GLY A 62 -6.28 8.51 10.89
N PHE A 63 -5.08 8.82 11.38
CA PHE A 63 -4.83 9.01 12.80
C PHE A 63 -5.73 10.08 13.43
N VAL A 64 -6.28 9.78 14.61
CA VAL A 64 -7.10 10.73 15.33
C VAL A 64 -6.58 10.76 16.75
N LYS A 65 -6.05 11.89 17.19
CA LYS A 65 -5.49 12.02 18.54
C LYS A 65 -6.59 11.92 19.62
N PRO A 66 -6.21 11.58 20.85
CA PRO A 66 -7.22 11.49 21.90
C PRO A 66 -7.65 12.86 22.45
N ASN A 67 -8.82 12.90 23.08
CA ASN A 67 -9.33 14.11 23.72
C ASN A 67 -8.60 14.12 25.08
N PRO A 68 -7.74 15.14 25.33
CA PRO A 68 -6.99 15.25 26.58
C PRO A 68 -7.86 15.37 27.84
N ASN A 69 -9.14 15.63 27.67
CA ASN A 69 -10.06 15.75 28.79
C ASN A 69 -10.68 14.44 29.23
N ASP A 70 -10.46 13.36 28.48
CA ASP A 70 -10.98 12.04 28.83
C ASP A 70 -10.31 11.61 30.16
N TYR A 71 -11.09 11.30 31.17
CA TYR A 71 -10.48 10.96 32.47
C TYR A 71 -10.18 9.51 32.78
N ASP A 72 -11.19 8.67 32.82
CA ASP A 72 -10.95 7.26 33.12
C ASP A 72 -10.92 6.35 31.90
N PHE A 73 -11.36 6.87 30.77
CA PHE A 73 -11.36 6.08 29.56
C PHE A 73 -11.07 7.00 28.38
N SER A 74 -10.26 6.52 27.43
CA SER A 74 -9.89 7.32 26.27
C SER A 74 -9.50 6.42 25.13
N LYS A 75 -9.50 6.97 23.92
CA LYS A 75 -9.17 6.20 22.75
C LYS A 75 -8.58 7.08 21.66
N LEU A 76 -7.93 6.43 20.70
CA LEU A 76 -7.38 7.11 19.55
C LEU A 76 -7.49 6.12 18.39
N TYR A 77 -7.37 6.62 17.16
CA TYR A 77 -7.42 5.76 15.99
C TYR A 77 -6.03 5.87 15.33
N TRP A 78 -5.54 4.77 14.80
CA TRP A 78 -4.23 4.78 14.17
C TRP A 78 -4.20 3.92 12.92
N GLY A 79 -3.30 4.29 12.00
CA GLY A 79 -3.15 3.56 10.74
C GLY A 79 -2.37 2.30 10.96
N ALA A 80 -3.11 1.20 11.06
CA ALA A 80 -2.55 -0.11 11.35
C ALA A 80 -2.10 -0.96 10.17
N LYS A 81 -2.75 -0.81 9.03
CA LYS A 81 -2.38 -1.58 7.85
C LYS A 81 -2.75 -0.85 6.55
N TYR A 82 -1.83 -0.90 5.61
CA TYR A 82 -2.05 -0.29 4.29
C TYR A 82 -2.11 -1.41 3.25
N ASN A 83 -3.15 -1.39 2.42
CA ASN A 83 -3.34 -2.39 1.40
C ASN A 83 -3.42 -1.75 0.01
N VAL A 84 -2.61 -2.28 -0.90
CA VAL A 84 -2.59 -1.84 -2.29
C VAL A 84 -2.86 -3.09 -3.17
N SER A 85 -3.89 -3.01 -4.02
CA SER A 85 -4.26 -4.13 -4.86
C SER A 85 -4.41 -3.74 -6.33
N ILE A 86 -4.00 -4.65 -7.21
CA ILE A 86 -4.06 -4.46 -8.66
C ILE A 86 -4.80 -5.69 -9.19
N SER A 87 -5.79 -5.46 -10.05
CA SER A 87 -6.58 -6.54 -10.62
C SER A 87 -6.86 -6.38 -12.12
N SER A 88 -6.57 -7.42 -12.89
CA SER A 88 -6.85 -7.42 -14.32
C SER A 88 -8.30 -7.91 -14.36
N GLN A 89 -9.23 -7.00 -14.65
CA GLN A 89 -10.66 -7.33 -14.62
C GLN A 89 -11.33 -7.82 -15.87
N SER A 90 -10.58 -7.97 -16.95
CA SER A 90 -11.17 -8.46 -18.20
C SER A 90 -10.08 -8.81 -19.17
N ASN A 91 -10.47 -9.46 -20.27
CA ASN A 91 -9.55 -9.88 -21.34
C ASN A 91 -8.67 -11.03 -20.91
N ASP A 92 -9.08 -12.25 -21.27
CA ASP A 92 -8.38 -13.47 -20.93
C ASP A 92 -6.97 -13.62 -21.52
N SER A 93 -6.60 -12.70 -22.41
CA SER A 93 -5.25 -12.71 -23.00
C SER A 93 -4.26 -11.98 -22.08
N VAL A 94 -4.78 -11.29 -21.05
CA VAL A 94 -3.94 -10.54 -20.12
C VAL A 94 -3.83 -11.21 -18.74
N ASN A 95 -2.59 -11.33 -18.23
CA ASN A 95 -2.30 -11.93 -16.91
C ASN A 95 -1.28 -11.07 -16.12
N VAL A 96 -1.33 -11.16 -14.79
CA VAL A 96 -0.34 -10.49 -13.94
C VAL A 96 0.77 -11.55 -13.78
N VAL A 97 1.95 -11.29 -14.36
CA VAL A 97 3.02 -12.28 -14.33
C VAL A 97 4.15 -12.13 -13.31
N ASP A 98 4.50 -10.89 -12.95
CA ASP A 98 5.58 -10.65 -11.98
C ASP A 98 5.27 -9.38 -11.20
N TYR A 99 6.02 -9.13 -10.13
CA TYR A 99 5.80 -7.94 -9.27
C TYR A 99 6.91 -7.74 -8.26
N ALA A 100 6.95 -6.55 -7.68
CA ALA A 100 7.94 -6.20 -6.67
C ALA A 100 7.30 -5.26 -5.63
N PRO A 101 7.48 -5.55 -4.33
CA PRO A 101 8.26 -6.70 -3.84
C PRO A 101 7.54 -8.02 -4.13
N LYS A 102 8.29 -9.11 -4.16
CA LYS A 102 7.68 -10.39 -4.48
C LYS A 102 7.66 -11.36 -3.31
N ASN A 103 8.21 -10.93 -2.16
CA ASN A 103 8.30 -11.76 -0.95
C ASN A 103 8.11 -10.90 0.30
N GLN A 104 7.73 -11.54 1.41
CA GLN A 104 7.53 -10.87 2.71
C GLN A 104 8.79 -10.11 3.07
N ASN A 105 8.63 -8.93 3.66
CA ASN A 105 9.78 -8.07 3.97
C ASN A 105 9.48 -7.18 5.18
N GLU A 106 10.31 -7.27 6.21
CA GLU A 106 10.14 -6.44 7.41
C GLU A 106 11.28 -5.46 7.63
N GLU A 107 12.11 -5.25 6.61
CA GLU A 107 13.21 -4.32 6.71
C GLU A 107 12.60 -2.92 6.82
N PHE A 108 13.29 -2.01 7.53
CA PHE A 108 12.78 -0.64 7.68
C PHE A 108 12.63 0.09 6.34
N GLN A 109 13.46 -0.28 5.37
CA GLN A 109 13.41 0.35 4.06
C GLN A 109 13.39 -0.76 3.01
N VAL A 110 12.33 -0.83 2.23
CA VAL A 110 12.22 -1.82 1.16
C VAL A 110 12.75 -1.20 -0.14
N GLN A 111 13.73 -1.85 -0.76
CA GLN A 111 14.33 -1.37 -1.99
C GLN A 111 14.52 -2.57 -2.93
N ASN A 112 13.96 -2.46 -4.13
CA ASN A 112 14.05 -3.51 -5.13
C ASN A 112 14.21 -2.86 -6.51
N THR A 113 14.74 -3.64 -7.45
CA THR A 113 14.91 -3.23 -8.84
C THR A 113 14.26 -4.32 -9.72
N LEU A 114 13.48 -3.89 -10.72
CA LEU A 114 12.88 -4.82 -11.66
C LEU A 114 13.47 -4.51 -13.05
N GLY A 115 14.07 -5.51 -13.68
CA GLY A 115 14.65 -5.30 -15.00
C GLY A 115 14.00 -6.17 -16.06
N TYR A 116 13.94 -5.64 -17.28
CA TYR A 116 13.39 -6.36 -18.43
C TYR A 116 14.55 -6.46 -19.42
N THR A 117 14.84 -7.68 -19.84
CA THR A 117 15.94 -7.95 -20.78
C THR A 117 15.38 -8.22 -22.19
N PHE A 118 16.09 -7.74 -23.21
CA PHE A 118 15.66 -7.97 -24.62
C PHE A 118 15.31 -9.46 -24.78
N GLY A 119 14.10 -9.76 -25.26
CA GLY A 119 13.71 -11.15 -25.38
C GLY A 119 12.61 -11.53 -24.40
N GLY A 120 12.35 -10.68 -23.41
CA GLY A 120 11.26 -10.91 -22.46
C GLY A 120 11.52 -11.29 -21.01
N ASP A 121 12.76 -11.50 -20.62
CA ASP A 121 13.09 -11.90 -19.25
C ASP A 121 12.91 -10.82 -18.20
N ILE A 122 12.13 -11.11 -17.15
CA ILE A 122 11.90 -10.16 -16.05
C ILE A 122 12.70 -10.66 -14.85
N SER A 123 13.52 -9.78 -14.28
CA SER A 123 14.35 -10.09 -13.12
C SER A 123 14.08 -9.09 -12.02
N ILE A 124 14.04 -9.56 -10.78
CA ILE A 124 13.81 -8.67 -9.63
C ILE A 124 14.93 -8.93 -8.65
N SER A 125 15.60 -7.87 -8.25
CA SER A 125 16.71 -8.02 -7.34
C SER A 125 16.55 -7.10 -6.13
N ASN A 126 17.28 -7.42 -5.08
CA ASN A 126 17.27 -6.64 -3.86
C ASN A 126 18.13 -5.40 -4.07
N GLY A 127 17.69 -4.26 -3.55
CA GLY A 127 18.47 -3.04 -3.72
C GLY A 127 18.05 -2.19 -4.91
N LEU A 128 18.71 -1.04 -5.09
CA LEU A 128 18.38 -0.12 -6.19
C LEU A 128 19.31 -0.17 -7.41
N THR A 136 19.99 -4.87 -20.24
CA THR A 136 18.56 -4.67 -19.94
C THR A 136 17.98 -3.49 -20.73
N ALA A 137 16.82 -3.72 -21.34
CA ALA A 137 16.13 -2.72 -22.14
C ALA A 137 15.30 -1.73 -21.32
N PHE A 138 14.92 -2.13 -20.10
CA PHE A 138 14.10 -1.28 -19.22
C PHE A 138 14.37 -1.66 -17.76
N SER A 139 14.26 -0.67 -16.89
CA SER A 139 14.54 -0.87 -15.47
C SER A 139 13.70 0.10 -14.63
N GLU A 140 13.24 -0.37 -13.46
CA GLU A 140 12.50 0.48 -12.52
C GLU A 140 12.83 0.02 -11.11
N THR A 141 12.58 0.88 -10.14
CA THR A 141 12.88 0.57 -8.74
C THR A 141 11.70 0.89 -7.83
N ILE A 142 11.66 0.28 -6.65
CA ILE A 142 10.64 0.63 -5.65
C ILE A 142 11.44 0.97 -4.39
N ASN A 143 10.97 1.96 -3.66
CA ASN A 143 11.67 2.39 -2.48
C ASN A 143 10.65 2.99 -1.52
N TYR A 144 10.54 2.41 -0.33
CA TYR A 144 9.63 2.96 0.68
C TYR A 144 10.07 2.61 2.09
N LYS A 145 9.73 3.51 3.02
CA LYS A 145 10.07 3.33 4.41
C LYS A 145 8.82 2.78 5.10
N GLN A 146 9.01 1.77 5.95
CA GLN A 146 7.90 1.13 6.68
C GLN A 146 8.39 0.68 8.07
N GLU A 147 9.15 1.54 8.77
CA GLU A 147 9.68 1.18 10.09
C GLU A 147 8.63 0.62 11.07
N SER A 148 8.93 -0.52 11.68
CA SER A 148 8.01 -1.17 12.65
C SER A 148 6.87 -1.95 12.00
N TYR A 149 6.80 -1.88 10.66
CA TYR A 149 5.78 -2.57 9.87
C TYR A 149 6.41 -3.67 9.02
N ARG A 150 5.54 -4.49 8.42
CA ARG A 150 5.95 -5.61 7.61
C ARG A 150 5.11 -5.69 6.33
N THR A 151 5.75 -5.97 5.21
CA THR A 151 5.06 -6.12 3.96
C THR A 151 4.82 -7.58 3.64
N THR A 152 3.58 -7.91 3.25
CA THR A 152 3.23 -9.27 2.87
C THR A 152 2.47 -9.23 1.57
N LEU A 153 2.47 -10.34 0.84
CA LEU A 153 1.74 -10.44 -0.42
C LEU A 153 0.34 -10.91 -0.06
N SER A 154 -0.66 -10.21 -0.57
CA SER A 154 -2.06 -10.54 -0.28
C SER A 154 -2.39 -11.99 -0.64
N ARG A 155 -3.20 -12.62 0.19
CA ARG A 155 -3.57 -14.02 -0.02
C ARG A 155 -4.25 -14.30 -1.33
N ASN A 156 -5.03 -13.34 -1.83
CA ASN A 156 -5.74 -13.54 -3.08
C ASN A 156 -4.90 -13.28 -4.33
N THR A 157 -3.59 -13.17 -4.18
CA THR A 157 -2.73 -12.96 -5.34
C THR A 157 -2.79 -14.22 -6.22
N ASN A 158 -3.05 -14.03 -7.51
CA ASN A 158 -3.11 -15.13 -8.47
C ASN A 158 -2.71 -14.65 -9.87
N TYR A 159 -3.03 -15.40 -10.92
CA TYR A 159 -2.62 -15.02 -12.30
C TYR A 159 -3.20 -13.74 -12.89
N LYS A 160 -4.16 -13.12 -12.21
CA LYS A 160 -4.76 -11.87 -12.68
C LYS A 160 -4.88 -10.87 -11.53
N ASN A 161 -4.24 -11.16 -10.40
CA ASN A 161 -4.32 -10.28 -9.24
C ASN A 161 -3.07 -10.25 -8.37
N VAL A 162 -2.68 -9.05 -7.95
CA VAL A 162 -1.57 -8.93 -7.00
C VAL A 162 -1.89 -7.83 -5.97
N GLY A 163 -1.53 -8.09 -4.73
CA GLY A 163 -1.74 -7.10 -3.69
C GLY A 163 -0.65 -7.23 -2.61
N TRP A 164 -0.48 -6.16 -1.85
CA TRP A 164 0.47 -6.14 -0.77
C TRP A 164 -0.21 -5.51 0.43
N GLY A 165 0.27 -5.91 1.62
CA GLY A 165 -0.24 -5.37 2.86
C GLY A 165 0.99 -4.91 3.62
N VAL A 166 0.93 -3.70 4.17
CA VAL A 166 2.03 -3.10 4.96
C VAL A 166 1.36 -2.92 6.32
N GLU A 167 1.67 -3.86 7.22
CA GLU A 167 1.02 -3.91 8.54
C GLU A 167 1.90 -3.75 9.76
N ALA A 168 1.34 -3.13 10.82
CA ALA A 168 2.04 -2.90 12.09
C ALA A 168 2.58 -4.27 12.48
N HIS A 169 3.84 -4.33 12.91
CA HIS A 169 4.48 -5.61 13.20
C HIS A 169 5.23 -5.70 14.53
N LYS A 170 6.29 -4.91 14.66
CA LYS A 170 7.10 -4.87 15.88
C LYS A 170 7.26 -3.41 16.33
N ILE A 171 6.34 -2.97 17.17
CA ILE A 171 6.33 -1.60 17.68
C ILE A 171 6.82 -1.55 19.13
N MET A 172 7.91 -0.82 19.35
CA MET A 172 8.46 -0.67 20.70
C MET A 172 7.81 0.54 21.34
N ASN A 173 7.52 0.44 22.62
CA ASN A 173 6.91 1.55 23.34
C ASN A 173 8.11 2.41 23.78
N ASN A 174 8.74 2.07 24.90
CA ASN A 174 9.94 2.81 25.29
C ASN A 174 11.03 1.78 24.95
N GLY A 175 11.21 0.84 25.87
CA GLY A 175 12.15 -0.23 25.63
C GLY A 175 11.30 -1.49 25.67
N TRP A 176 10.00 -1.27 25.91
CA TRP A 176 9.03 -2.35 26.01
C TRP A 176 8.56 -2.84 24.66
N GLY A 177 8.24 -4.12 24.58
CA GLY A 177 7.78 -4.69 23.34
C GLY A 177 8.69 -5.79 22.80
N PRO A 178 8.63 -6.06 21.49
CA PRO A 178 7.76 -5.33 20.56
C PRO A 178 6.29 -5.71 20.69
N TYR A 179 5.41 -4.79 20.30
CA TYR A 179 3.97 -5.03 20.37
C TYR A 179 3.37 -5.02 18.96
N GLY A 180 2.20 -5.64 18.83
CA GLY A 180 1.51 -5.66 17.56
C GLY A 180 0.04 -5.38 17.78
N ARG A 181 -0.73 -5.54 16.70
CA ARG A 181 -2.16 -5.31 16.73
C ARG A 181 -2.87 -6.33 17.61
N ASP A 182 -2.17 -7.44 17.85
CA ASP A 182 -2.70 -8.57 18.61
C ASP A 182 -2.11 -8.82 19.99
N SER A 183 -1.10 -8.05 20.38
CA SER A 183 -0.47 -8.30 21.66
C SER A 183 -1.45 -8.17 22.85
N PHE A 184 -1.26 -8.96 23.89
CA PHE A 184 -2.15 -8.86 25.02
C PHE A 184 -1.51 -9.43 26.26
N HIS A 185 -1.45 -8.59 27.29
CA HIS A 185 -0.91 -8.96 28.59
C HIS A 185 -2.14 -9.39 29.42
N PRO A 186 -2.06 -10.52 30.14
CA PRO A 186 -3.19 -11.00 30.94
C PRO A 186 -3.85 -9.93 31.81
N THR A 187 -3.04 -9.01 32.31
CA THR A 187 -3.50 -7.93 33.16
C THR A 187 -3.68 -6.60 32.42
N TYR A 188 -2.59 -6.10 31.86
CA TYR A 188 -2.63 -4.80 31.16
C TYR A 188 -3.15 -4.74 29.72
N GLY A 189 -3.62 -5.86 29.20
CA GLY A 189 -4.16 -5.85 27.84
C GLY A 189 -3.11 -5.51 26.80
N ASN A 190 -3.52 -4.90 25.68
CA ASN A 190 -2.60 -4.49 24.63
C ASN A 190 -1.94 -3.17 25.07
N GLU A 191 -0.63 -3.17 25.30
CA GLU A 191 0.10 -1.99 25.75
C GLU A 191 0.80 -1.15 24.70
N LEU A 192 0.43 -1.37 23.44
CA LEU A 192 1.01 -0.69 22.29
C LEU A 192 1.35 0.80 22.51
N PHE A 193 0.33 1.59 22.85
CA PHE A 193 0.55 3.01 23.05
C PHE A 193 0.26 3.51 24.47
N LEU A 194 0.27 2.60 25.45
CA LEU A 194 0.03 2.96 26.85
C LEU A 194 1.33 3.57 27.45
N ALA A 195 1.23 4.78 27.99
CA ALA A 195 2.41 5.42 28.58
C ALA A 195 2.82 4.86 29.95
N GLY A 196 1.84 4.58 30.81
CA GLY A 196 2.18 4.06 32.13
C GLY A 196 1.06 3.20 32.68
N ARG A 197 1.46 2.15 33.38
CA ARG A 197 0.50 1.24 33.95
C ARG A 197 -0.20 1.80 35.18
N GLN A 198 0.46 2.73 35.87
CA GLN A 198 -0.07 3.31 37.11
C GLN A 198 -0.12 4.83 37.10
N SER A 199 -0.02 5.45 35.93
CA SER A 199 0.01 6.91 35.81
C SER A 199 -1.11 7.64 36.51
N SER A 200 -0.78 8.68 37.27
CA SER A 200 -1.82 9.46 37.92
C SER A 200 -2.13 10.53 36.90
N ALA A 201 -2.81 10.15 35.83
CA ALA A 201 -3.10 11.06 34.74
C ALA A 201 -4.48 10.88 34.20
N TYR A 202 -4.88 11.82 33.35
CA TYR A 202 -6.15 11.72 32.66
C TYR A 202 -5.89 10.63 31.62
N ALA A 203 -6.91 9.84 31.29
CA ALA A 203 -6.76 8.78 30.29
C ALA A 203 -6.31 9.41 28.97
N GLY A 204 -6.90 10.58 28.66
CA GLY A 204 -6.63 11.32 27.43
C GLY A 204 -5.20 11.78 27.30
N GLN A 205 -4.49 11.74 28.43
CA GLN A 205 -3.09 12.13 28.53
C GLN A 205 -2.19 10.98 28.99
N ASN A 206 -2.63 9.73 28.79
CA ASN A 206 -1.80 8.59 29.19
C ASN A 206 -1.35 7.67 28.04
N PHE A 207 -1.25 8.24 26.84
CA PHE A 207 -0.76 7.51 25.67
C PHE A 207 0.64 8.06 25.44
N ILE A 208 1.49 7.30 24.74
CA ILE A 208 2.83 7.79 24.43
C ILE A 208 2.65 8.92 23.42
N ALA A 209 3.68 9.74 23.23
CA ALA A 209 3.58 10.87 22.29
C ALA A 209 3.60 10.40 20.85
N GLN A 210 3.03 11.19 19.95
CA GLN A 210 2.99 10.84 18.53
C GLN A 210 4.37 10.59 17.95
N HIS A 211 5.38 11.33 18.41
CA HIS A 211 6.73 11.16 17.91
C HIS A 211 7.35 9.85 18.34
N GLN A 212 6.74 9.18 19.31
CA GLN A 212 7.25 7.91 19.80
C GLN A 212 6.54 6.76 19.09
N MET A 213 5.51 7.09 18.32
CA MET A 213 4.76 6.09 17.54
C MET A 213 5.41 6.00 16.13
N PRO A 214 5.24 4.86 15.45
CA PRO A 214 5.82 4.73 14.11
C PRO A 214 5.23 5.78 13.17
N LEU A 215 6.04 6.27 12.24
CA LEU A 215 5.56 7.25 11.25
C LEU A 215 4.33 6.76 10.48
N LEU A 216 4.27 5.45 10.20
CA LEU A 216 3.15 4.90 9.46
C LEU A 216 1.86 4.87 10.26
N SER A 217 1.99 4.81 11.57
CA SER A 217 0.81 4.73 12.42
C SER A 217 0.10 6.06 12.66
N ARG A 218 0.84 7.16 12.64
CA ARG A 218 0.22 8.45 12.90
C ARG A 218 0.39 9.53 11.83
N SER A 219 1.08 9.18 10.74
CA SER A 219 1.31 10.10 9.65
C SER A 219 0.65 9.61 8.32
N ASN A 220 1.41 8.88 7.52
CA ASN A 220 0.94 8.38 6.23
C ASN A 220 1.91 7.31 5.69
N PHE A 221 1.57 6.73 4.56
CA PHE A 221 2.42 5.75 3.91
C PHE A 221 2.55 6.19 2.45
N ASN A 222 3.78 6.21 1.92
CA ASN A 222 4.06 6.57 0.53
C ASN A 222 4.42 5.26 -0.19
N PRO A 223 3.40 4.60 -0.77
CA PRO A 223 3.65 3.34 -1.47
C PRO A 223 4.47 3.41 -2.75
N GLU A 224 5.25 2.36 -3.01
CA GLU A 224 5.98 2.20 -4.28
C GLU A 224 5.91 0.71 -4.59
N PHE A 225 5.02 0.34 -5.51
CA PHE A 225 4.83 -1.05 -5.89
C PHE A 225 4.88 -1.23 -7.41
N LEU A 226 5.40 -2.36 -7.85
CA LEU A 226 5.49 -2.67 -9.28
C LEU A 226 4.73 -3.94 -9.64
N SER A 227 3.94 -3.87 -10.71
CA SER A 227 3.22 -5.07 -11.18
C SER A 227 3.48 -5.19 -12.66
N VAL A 228 3.71 -6.40 -13.14
CA VAL A 228 3.97 -6.65 -14.56
C VAL A 228 2.78 -7.42 -15.17
N LEU A 229 2.12 -6.81 -16.15
CA LEU A 229 1.02 -7.49 -16.84
C LEU A 229 1.58 -7.90 -18.20
N SER A 230 1.12 -9.05 -18.67
CA SER A 230 1.54 -9.62 -19.94
C SER A 230 0.30 -9.80 -20.85
N HIS A 231 0.44 -9.47 -22.13
CA HIS A 231 -0.64 -9.61 -23.11
C HIS A 231 -0.17 -10.64 -24.15
N ARG A 232 -0.96 -11.70 -24.31
CA ARG A 232 -0.67 -12.82 -25.22
C ARG A 232 -0.57 -12.55 -26.72
N GLN A 233 -0.94 -11.34 -27.14
CA GLN A 233 -0.89 -10.91 -28.54
C GLN A 233 -1.92 -11.60 -29.44
N ASP A 234 -2.96 -12.10 -28.79
CA ASP A 234 -4.07 -12.74 -29.46
C ASP A 234 -5.23 -12.07 -28.73
N GLY A 235 -6.34 -11.86 -29.43
CA GLY A 235 -7.51 -11.24 -28.84
C GLY A 235 -7.47 -9.70 -28.66
N ALA A 236 -8.45 -9.19 -27.92
CA ALA A 236 -8.63 -7.75 -27.67
C ALA A 236 -7.40 -6.91 -27.36
N LYS A 237 -7.36 -5.72 -27.96
CA LYS A 237 -6.26 -4.78 -27.73
C LYS A 237 -6.40 -4.01 -26.43
N LYS A 238 -7.59 -3.97 -25.85
CA LYS A 238 -7.82 -3.25 -24.61
C LYS A 238 -8.15 -4.19 -23.48
N SER A 239 -7.93 -3.76 -22.24
CA SER A 239 -8.27 -4.60 -21.09
C SER A 239 -8.54 -3.69 -19.89
N LYS A 240 -9.27 -4.20 -18.90
CA LYS A 240 -9.62 -3.43 -17.71
C LYS A 240 -8.71 -3.75 -16.52
N ILE A 241 -8.41 -2.74 -15.72
CA ILE A 241 -7.58 -2.92 -14.54
C ILE A 241 -8.10 -2.03 -13.40
N THR A 242 -8.12 -2.56 -12.18
CA THR A 242 -8.53 -1.76 -11.03
C THR A 242 -7.35 -1.66 -10.09
N VAL A 243 -7.15 -0.48 -9.51
CA VAL A 243 -6.09 -0.28 -8.53
C VAL A 243 -6.78 0.28 -7.26
N THR A 244 -6.55 -0.42 -6.14
CA THR A 244 -7.17 -0.07 -4.86
C THR A 244 -6.13 0.32 -3.79
N TYR A 245 -6.32 1.48 -3.14
CA TYR A 245 -5.43 1.88 -2.04
C TYR A 245 -6.39 1.89 -0.86
N GLN A 246 -5.96 1.32 0.27
CA GLN A 246 -6.80 1.22 1.45
C GLN A 246 -6.02 1.31 2.76
N ARG A 247 -6.67 1.78 3.81
CA ARG A 247 -6.08 1.80 5.14
C ARG A 247 -7.06 1.13 6.12
N GLU A 248 -6.50 0.34 7.03
CA GLU A 248 -7.26 -0.32 8.07
C GLU A 248 -6.85 0.49 9.29
N MET A 249 -7.83 1.07 9.98
CA MET A 249 -7.55 1.89 11.14
C MET A 249 -8.00 1.11 12.37
N ASP A 250 -7.14 1.08 13.40
CA ASP A 250 -7.46 0.35 14.64
C ASP A 250 -7.88 1.34 15.71
N LEU A 251 -8.81 0.92 16.55
CA LEU A 251 -9.27 1.76 17.65
C LEU A 251 -8.47 1.31 18.88
N TYR A 252 -7.55 2.15 19.33
CA TYR A 252 -6.76 1.82 20.51
C TYR A 252 -7.29 2.61 21.70
N GLN A 253 -7.71 1.90 22.75
CA GLN A 253 -8.27 2.56 23.92
C GLN A 253 -7.67 2.11 25.25
N ILE A 254 -7.59 3.04 26.19
CA ILE A 254 -7.07 2.72 27.51
C ILE A 254 -8.13 3.05 28.58
N ARG A 255 -8.05 2.31 29.68
CA ARG A 255 -9.01 2.45 30.77
C ARG A 255 -8.45 2.16 32.14
N TRP A 256 -8.86 3.00 33.11
CA TRP A 256 -8.47 2.91 34.52
C TRP A 256 -9.57 2.15 35.25
N ASN A 257 -9.19 1.15 36.02
CA ASN A 257 -10.18 0.34 36.74
C ASN A 257 -10.13 0.57 38.26
N GLY A 258 -9.38 1.59 38.67
CA GLY A 258 -9.25 1.90 40.06
C GLY A 258 -7.93 1.38 40.58
N PHE A 259 -7.30 0.49 39.84
CA PHE A 259 -6.03 -0.09 40.29
C PHE A 259 -4.91 0.08 39.30
N TYR A 260 -5.21 -0.12 38.02
CA TYR A 260 -4.19 -0.01 36.98
C TYR A 260 -4.82 0.39 35.66
N TRP A 261 -3.96 0.63 34.67
CA TRP A 261 -4.36 0.97 33.30
C TRP A 261 -4.25 -0.29 32.46
N ALA A 262 -5.19 -0.48 31.55
CA ALA A 262 -5.16 -1.63 30.66
C ALA A 262 -5.55 -1.12 29.26
N GLY A 263 -4.96 -1.71 28.21
CA GLY A 263 -5.28 -1.22 26.88
C GLY A 263 -6.00 -2.24 26.03
N ALA A 264 -6.69 -1.77 25.00
CA ALA A 264 -7.41 -2.68 24.10
C ALA A 264 -7.31 -2.12 22.68
N ASN A 265 -6.97 -3.00 21.73
CA ASN A 265 -6.89 -2.58 20.34
C ASN A 265 -7.90 -3.35 19.44
N TYR A 266 -8.87 -2.62 18.91
CA TYR A 266 -9.87 -3.19 18.00
C TYR A 266 -9.30 -3.10 16.58
N LYS A 267 -9.03 -4.25 15.99
CA LYS A 267 -8.46 -4.35 14.66
C LYS A 267 -9.44 -4.01 13.52
N ASN A 268 -9.02 -3.11 12.63
CA ASN A 268 -9.81 -2.68 11.46
C ASN A 268 -11.21 -2.24 11.88
N PHE A 269 -11.26 -1.31 12.83
CA PHE A 269 -12.51 -0.79 13.34
C PHE A 269 -13.10 0.22 12.35
N LYS A 270 -12.23 0.85 11.57
CA LYS A 270 -12.63 1.79 10.50
C LYS A 270 -11.79 1.47 9.26
N THR A 271 -12.42 1.46 8.09
CA THR A 271 -11.72 1.20 6.83
C THR A 271 -12.05 2.30 5.81
N ARG A 272 -11.02 2.78 5.10
CA ARG A 272 -11.21 3.81 4.07
C ARG A 272 -10.55 3.24 2.81
N THR A 273 -11.33 3.14 1.73
CA THR A 273 -10.86 2.53 0.49
C THR A 273 -11.08 3.37 -0.76
N PHE A 274 -10.06 3.45 -1.62
CA PHE A 274 -10.17 4.21 -2.86
C PHE A 274 -9.78 3.28 -4.04
N LYS A 275 -10.71 3.11 -4.97
CA LYS A 275 -10.53 2.24 -6.14
C LYS A 275 -10.69 2.95 -7.47
N SER A 276 -9.71 2.85 -8.35
CA SER A 276 -9.82 3.47 -9.66
C SER A 276 -9.91 2.34 -10.67
N THR A 277 -10.60 2.57 -11.79
CA THR A 277 -10.74 1.57 -12.86
C THR A 277 -10.28 2.23 -14.17
N TYR A 278 -9.30 1.61 -14.83
CA TYR A 278 -8.78 2.14 -16.08
C TYR A 278 -8.95 1.12 -17.23
N GLU A 279 -9.02 1.63 -18.45
CA GLU A 279 -9.08 0.75 -19.60
C GLU A 279 -7.72 0.94 -20.22
N ILE A 280 -7.00 -0.15 -20.36
CA ILE A 280 -5.65 -0.12 -20.92
C ILE A 280 -5.77 -0.39 -22.41
N ASP A 281 -5.18 0.48 -23.22
CA ASP A 281 -5.20 0.31 -24.67
C ASP A 281 -3.77 -0.11 -25.02
N TRP A 282 -3.58 -1.41 -25.16
CA TRP A 282 -2.28 -1.96 -25.47
C TRP A 282 -1.76 -1.59 -26.86
N GLU A 283 -2.67 -1.30 -27.79
CA GLU A 283 -2.28 -0.92 -29.16
C GLU A 283 -1.75 0.52 -29.24
N ASN A 284 -2.45 1.41 -28.55
CA ASN A 284 -2.08 2.83 -28.53
C ASN A 284 -1.30 3.30 -27.31
N HIS A 285 -0.94 2.38 -26.42
CA HIS A 285 -0.15 2.68 -25.22
C HIS A 285 -0.72 3.81 -24.40
N LYS A 286 -2.03 3.77 -24.20
CA LYS A 286 -2.73 4.80 -23.45
C LYS A 286 -3.64 4.13 -22.44
N VAL A 287 -4.12 4.91 -21.47
CA VAL A 287 -5.05 4.44 -20.47
C VAL A 287 -6.17 5.48 -20.39
N LYS A 288 -7.34 5.05 -19.97
CA LYS A 288 -8.49 5.93 -19.84
C LYS A 288 -9.21 5.62 -18.54
N LEU A 289 -9.49 6.65 -17.75
CA LEU A 289 -10.21 6.45 -16.51
C LEU A 289 -11.67 6.15 -16.78
N LEU A 290 -12.14 5.04 -16.23
CA LEU A 290 -13.53 4.64 -16.37
C LEU A 290 -14.36 4.91 -15.13
N ASP A 291 -13.74 4.87 -13.95
CA ASP A 291 -14.47 5.06 -12.72
C ASP A 291 -13.58 5.19 -11.48
N THR A 292 -14.09 5.84 -10.46
CA THR A 292 -13.41 5.93 -9.17
C THR A 292 -14.49 5.67 -8.12
N LYS A 293 -14.12 5.02 -7.04
CA LYS A 293 -15.10 4.72 -6.02
C LYS A 293 -14.50 4.81 -4.62
N GLU A 294 -15.14 5.61 -3.78
CA GLU A 294 -14.72 5.76 -2.38
C GLU A 294 -15.68 4.93 -1.54
N THR A 295 -15.14 4.08 -0.68
CA THR A 295 -15.98 3.26 0.18
C THR A 295 -15.43 3.27 1.61
N GLU A 296 -16.35 3.24 2.57
CA GLU A 296 -16.00 3.28 3.98
C GLU A 296 -16.61 2.13 4.74
N ASN A 297 -15.92 1.71 5.79
CA ASN A 297 -16.44 0.71 6.70
C ASN A 297 -16.22 1.29 8.09
N ASN A 298 -17.25 1.22 8.92
CA ASN A 298 -17.20 1.73 10.28
C ASN A 298 -17.93 0.75 11.19
N LYS A 299 -17.19 0.06 12.06
CA LYS A 299 -17.78 -0.90 12.99
C LYS A 299 -18.42 -0.23 14.21
#